data_9EIU
#
_entry.id   9EIU
#
_cell.length_a   58.669
_cell.length_b   58.669
_cell.length_c   61.293
_cell.angle_alpha   90.000
_cell.angle_beta   90.000
_cell.angle_gamma   120.000
#
_symmetry.space_group_name_H-M   'P 3'
#
loop_
_entity.id
_entity.type
_entity.pdbx_description
1 polymer 'Caveolae-associated protein 1'
2 polymer 'Nanobody B7'
#
loop_
_entity_poly.entity_id
_entity_poly.type
_entity_poly.pdbx_seq_one_letter_code
_entity_poly.pdbx_strand_id
1 'polypeptide(L)'
;GSPGIQLIKSDQVNGVLVLSLLDKIIGAVDQIQLTQAQLEERQAEMEGAVQSIQGELSKLGKAHATDDNTVSKLLEKVRK
VSVNVKTVRGSLERQAGQIKKLEVNEAELLRRRNFK
;
A
2 'polypeptide(L)'
;QVQLQESGGGLVQAGGSLRLSCAVSGIRVNVNAMYWYRQAPGKQRELVAIITTFGSTNYADSAKGRFTISRDNTKNTVYL
QMDNLKPEDTAVYYCNAPQFTDRYWGQGTQVTVSSHHHHHH
;
B
#
# COMPACT_ATOMS: atom_id res chain seq x y z
N LEU A 19 -0.78 -0.96 -25.44
CA LEU A 19 -0.06 -1.63 -24.32
C LEU A 19 -0.36 -3.13 -24.34
N SER A 20 0.65 -3.91 -24.71
CA SER A 20 0.49 -5.35 -24.90
C SER A 20 0.59 -6.10 -23.59
N LEU A 21 0.20 -7.37 -23.67
CA LEU A 21 0.42 -8.28 -22.57
C LEU A 21 1.91 -8.34 -22.24
N LEU A 22 2.77 -8.43 -23.28
CA LEU A 22 4.20 -8.44 -23.06
C LEU A 22 4.73 -7.18 -22.39
N ASP A 23 4.21 -6.00 -22.76
CA ASP A 23 4.62 -4.78 -22.06
C ASP A 23 4.23 -4.83 -20.58
N LYS A 24 3.04 -5.37 -20.29
CA LYS A 24 2.61 -5.52 -18.90
C LYS A 24 3.50 -6.49 -18.15
N ILE A 25 3.80 -7.64 -18.76
CA ILE A 25 4.67 -8.63 -18.12
C ILE A 25 6.05 -8.03 -17.86
N ILE A 26 6.61 -7.33 -18.85
CA ILE A 26 7.92 -6.72 -18.69
C ILE A 26 7.92 -5.72 -17.54
N GLY A 27 6.88 -4.89 -17.47
CA GLY A 27 6.85 -3.90 -16.40
C GLY A 27 6.62 -4.51 -15.03
N ALA A 28 5.87 -5.61 -14.97
CA ALA A 28 5.71 -6.33 -13.71
C ALA A 28 7.04 -6.94 -13.26
N VAL A 29 7.75 -7.60 -14.18
CA VAL A 29 9.05 -8.17 -13.87
C VAL A 29 10.00 -7.09 -13.37
N ASP A 30 9.99 -5.92 -14.03
CA ASP A 30 10.87 -4.83 -13.63
C ASP A 30 10.54 -4.32 -12.23
N GLN A 31 9.25 -4.13 -11.95
CA GLN A 31 8.82 -3.77 -10.61
C GLN A 31 9.29 -4.78 -9.58
N ILE A 32 9.14 -6.07 -9.90
CA ILE A 32 9.49 -7.12 -8.97
C ILE A 32 10.98 -7.12 -8.66
N GLN A 33 11.81 -6.97 -9.69
CA GLN A 33 13.26 -7.00 -9.49
C GLN A 33 13.73 -5.80 -8.68
N LEU A 34 13.16 -4.61 -8.96
CA LEU A 34 13.49 -3.43 -8.16
C LEU A 34 13.08 -3.64 -6.70
N THR A 35 11.90 -4.20 -6.49
CA THR A 35 11.43 -4.44 -5.13
C THR A 35 12.30 -5.47 -4.42
N GLN A 36 12.72 -6.52 -5.12
CA GLN A 36 13.57 -7.53 -4.49
C GLN A 36 14.90 -6.93 -4.04
N ALA A 37 15.48 -6.04 -4.84
CA ALA A 37 16.72 -5.42 -4.41
C ALA A 37 16.50 -4.54 -3.19
N GLN A 38 15.35 -3.87 -3.11
CA GLN A 38 15.08 -3.04 -1.94
C GLN A 38 14.81 -3.89 -0.70
N LEU A 39 14.07 -4.99 -0.84
CA LEU A 39 13.83 -5.88 0.29
C LEU A 39 15.14 -6.50 0.80
N GLU A 40 16.05 -6.86 -0.11
CA GLU A 40 17.35 -7.36 0.32
C GLU A 40 18.13 -6.30 1.11
N GLU A 41 18.16 -5.07 0.61
CA GLU A 41 18.87 -4.02 1.35
C GLU A 41 18.29 -3.83 2.74
N ARG A 42 16.95 -3.82 2.85
CA ARG A 42 16.31 -3.73 4.17
C ARG A 42 16.72 -4.90 5.07
N GLN A 43 16.78 -6.11 4.50
CA GLN A 43 17.21 -7.27 5.28
C GLN A 43 18.64 -7.11 5.79
N ALA A 44 19.54 -6.61 4.94
CA ALA A 44 20.94 -6.43 5.38
C ALA A 44 21.04 -5.39 6.49
N GLU A 45 20.27 -4.30 6.39
CA GLU A 45 20.28 -3.30 7.45
C GLU A 45 19.80 -3.90 8.77
N MET A 46 18.74 -4.70 8.70
CA MET A 46 18.20 -5.30 9.91
C MET A 46 19.10 -6.40 10.44
N GLU A 47 19.79 -7.14 9.57
CA GLU A 47 20.73 -8.15 10.04
C GLU A 47 21.90 -7.51 10.79
N GLY A 48 22.35 -6.35 10.34
CA GLY A 48 23.34 -5.62 11.11
C GLY A 48 22.83 -5.15 12.46
N ALA A 49 21.59 -4.64 12.49
CA ALA A 49 21.02 -4.20 13.76
C ALA A 49 20.84 -5.36 14.74
N VAL A 50 20.35 -6.50 14.26
CA VAL A 50 20.18 -7.66 15.13
C VAL A 50 21.52 -8.19 15.61
N GLN A 51 22.52 -8.26 14.75
CA GLN A 51 23.86 -8.68 15.18
C GLN A 51 24.42 -7.74 16.24
N SER A 52 24.16 -6.44 16.12
CA SER A 52 24.61 -5.50 17.15
C SER A 52 23.91 -5.77 18.48
N ILE A 53 22.61 -6.09 18.44
CA ILE A 53 21.89 -6.43 19.66
C ILE A 53 22.44 -7.72 20.27
N GLN A 54 22.67 -8.73 19.43
CA GLN A 54 23.22 -9.99 19.92
C GLN A 54 24.58 -9.79 20.57
N GLY A 55 25.42 -8.94 19.99
CA GLY A 55 26.69 -8.63 20.61
C GLY A 55 26.55 -7.92 21.94
N GLU A 56 25.60 -6.98 22.02
CA GLU A 56 25.36 -6.32 23.30
C GLU A 56 24.91 -7.30 24.38
N LEU A 57 24.03 -8.25 24.02
CA LEU A 57 23.56 -9.23 25.01
C LEU A 57 24.50 -10.39 25.25
N SER A 58 25.50 -10.58 24.42
CA SER A 58 26.40 -11.72 24.52
C SER A 58 27.77 -11.35 25.07
N LYS A 59 28.10 -10.07 25.13
CA LYS A 59 29.44 -9.69 25.52
C LYS A 59 29.72 -10.10 26.96
N LEU A 60 31.00 -10.24 27.27
CA LEU A 60 31.38 -10.60 28.62
C LEU A 60 31.21 -9.32 29.34
N GLN B 1 8.42 12.04 -12.75
CA GLN B 1 8.12 11.55 -11.37
C GLN B 1 6.86 10.71 -11.39
N VAL B 2 6.61 9.99 -10.31
CA VAL B 2 5.31 9.37 -10.07
C VAL B 2 4.49 10.28 -9.18
N GLN B 3 3.24 10.50 -9.55
CA GLN B 3 2.29 11.28 -8.77
C GLN B 3 1.23 10.35 -8.19
N LEU B 4 0.92 10.55 -6.90
CA LEU B 4 -0.09 9.77 -6.20
C LEU B 4 -1.04 10.76 -5.51
N GLN B 5 -2.30 10.77 -5.92
CA GLN B 5 -3.26 11.73 -5.39
C GLN B 5 -4.42 10.96 -4.76
N GLU B 6 -4.36 10.80 -3.43
CA GLU B 6 -5.37 10.07 -2.68
C GLU B 6 -6.53 10.99 -2.31
N SER B 7 -7.74 10.44 -2.38
CA SER B 7 -8.95 11.16 -2.01
C SER B 7 -10.01 10.17 -1.56
N GLY B 8 -11.12 10.70 -1.03
CA GLY B 8 -12.28 9.91 -0.68
C GLY B 8 -12.40 9.61 0.79
N GLY B 9 -11.40 9.94 1.59
CA GLY B 9 -11.50 9.87 3.03
C GLY B 9 -12.43 10.92 3.58
N GLY B 10 -12.56 10.92 4.91
CA GLY B 10 -13.42 11.85 5.58
C GLY B 10 -13.82 11.32 6.95
N LEU B 11 -14.93 11.85 7.45
CA LEU B 11 -15.52 11.42 8.71
C LEU B 11 -16.76 10.57 8.45
N VAL B 12 -16.75 9.35 9.01
CA VAL B 12 -17.79 8.36 8.73
C VAL B 12 -18.20 7.73 10.05
N GLN B 13 -19.45 7.34 10.15
CA GLN B 13 -19.94 6.61 11.31
C GLN B 13 -19.54 5.14 11.23
N ALA B 14 -19.34 4.54 12.39
CA ALA B 14 -19.14 3.10 12.47
C ALA B 14 -20.27 2.37 11.76
N GLY B 15 -19.91 1.31 11.05
CA GLY B 15 -20.82 0.61 10.16
C GLY B 15 -20.99 1.26 8.80
N GLY B 16 -20.49 2.48 8.62
CA GLY B 16 -20.52 3.16 7.34
C GLY B 16 -19.52 2.61 6.35
N SER B 17 -19.56 3.20 5.15
CA SER B 17 -18.72 2.79 4.04
C SER B 17 -17.98 3.99 3.47
N LEU B 18 -16.81 3.75 2.92
CA LEU B 18 -16.07 4.73 2.13
C LEU B 18 -15.58 4.06 0.86
N ARG B 19 -15.31 4.87 -0.17
CA ARG B 19 -14.55 4.41 -1.32
C ARG B 19 -13.39 5.37 -1.54
N LEU B 20 -12.17 4.93 -1.21
CA LEU B 20 -10.98 5.72 -1.48
C LEU B 20 -10.55 5.59 -2.93
N SER B 21 -9.96 6.66 -3.45
CA SER B 21 -9.38 6.73 -4.78
C SER B 21 -7.92 7.20 -4.68
N CYS B 22 -7.06 6.64 -5.53
CA CYS B 22 -5.73 7.17 -5.77
C CYS B 22 -5.55 7.35 -7.26
N ALA B 23 -5.46 8.61 -7.70
CA ALA B 23 -5.16 8.92 -9.08
C ALA B 23 -3.64 8.93 -9.28
N VAL B 24 -3.17 8.09 -10.20
CA VAL B 24 -1.75 7.80 -10.39
C VAL B 24 -1.30 8.45 -11.68
N SER B 25 -0.10 9.03 -11.68
CA SER B 25 0.56 9.44 -12.90
C SER B 25 2.00 8.96 -12.92
N GLY B 26 2.50 8.68 -14.13
CA GLY B 26 3.88 8.26 -14.33
C GLY B 26 4.11 6.76 -14.35
N ILE B 27 3.17 5.96 -13.87
CA ILE B 27 3.15 4.52 -14.14
C ILE B 27 1.72 4.09 -14.44
N ARG B 28 1.58 3.02 -15.21
CA ARG B 28 0.28 2.44 -15.54
C ARG B 28 -0.15 1.43 -14.48
N VAL B 29 -1.36 1.63 -13.95
CA VAL B 29 -1.91 0.71 -12.96
C VAL B 29 -2.27 -0.64 -13.54
N ASN B 30 -2.47 -0.75 -14.85
CA ASN B 30 -2.70 -2.05 -15.47
C ASN B 30 -1.39 -2.75 -15.82
N VAL B 31 -0.26 -2.14 -15.50
CA VAL B 31 1.04 -2.76 -15.67
C VAL B 31 1.68 -3.13 -14.34
N ASN B 32 1.40 -2.37 -13.29
CA ASN B 32 2.05 -2.49 -11.99
C ASN B 32 1.06 -2.98 -10.95
N ALA B 33 1.50 -3.91 -10.11
CA ALA B 33 0.82 -4.16 -8.84
C ALA B 33 0.77 -2.87 -8.02
N MET B 34 -0.38 -2.65 -7.38
CA MET B 34 -0.63 -1.45 -6.58
C MET B 34 -1.12 -1.83 -5.19
N TYR B 35 -0.67 -1.08 -4.18
CA TYR B 35 -0.91 -1.38 -2.78
C TYR B 35 -1.64 -0.21 -2.14
N TRP B 36 -2.54 -0.53 -1.21
CA TRP B 36 -3.03 0.41 -0.22
C TRP B 36 -2.44 0.07 1.14
N TYR B 37 -2.01 1.11 1.84
CA TYR B 37 -1.44 1.09 3.18
C TYR B 37 -2.28 2.01 4.06
N ARG B 38 -2.15 1.85 5.37
CA ARG B 38 -2.67 2.83 6.31
C ARG B 38 -1.66 3.04 7.43
N GLN B 39 -1.75 4.21 8.08
CA GLN B 39 -0.90 4.53 9.22
C GLN B 39 -1.75 5.29 10.23
N ALA B 40 -1.99 4.66 11.38
CA ALA B 40 -2.57 5.33 12.54
C ALA B 40 -1.53 6.17 13.27
N PRO B 41 -1.97 7.18 14.04
CA PRO B 41 -1.02 8.06 14.72
C PRO B 41 -0.06 7.28 15.63
N GLY B 42 1.23 7.56 15.46
CA GLY B 42 2.27 6.94 16.25
C GLY B 42 2.51 5.47 16.01
N LYS B 43 1.82 4.85 15.06
CA LYS B 43 2.02 3.45 14.73
C LYS B 43 2.72 3.29 13.39
N GLN B 44 3.27 2.10 13.20
CA GLN B 44 3.92 1.71 11.96
C GLN B 44 2.94 1.62 10.80
N ARG B 45 3.43 1.96 9.60
CA ARG B 45 2.64 1.75 8.39
C ARG B 45 2.31 0.27 8.20
N GLU B 46 1.03 0.01 7.98
CA GLU B 46 0.48 -1.33 7.82
C GLU B 46 -0.01 -1.48 6.38
N LEU B 47 0.44 -2.53 5.70
CA LEU B 47 -0.16 -2.89 4.43
C LEU B 47 -1.60 -3.37 4.62
N VAL B 48 -2.50 -2.84 3.79
CA VAL B 48 -3.93 -3.10 3.90
C VAL B 48 -4.41 -4.00 2.77
N ALA B 49 -4.04 -3.68 1.52
CA ALA B 49 -4.58 -4.44 0.40
C ALA B 49 -3.63 -4.32 -0.78
N ILE B 50 -3.61 -5.36 -1.61
CA ILE B 50 -2.81 -5.34 -2.83
C ILE B 50 -3.64 -5.88 -3.99
N ILE B 51 -3.42 -5.30 -5.17
CA ILE B 51 -3.93 -5.81 -6.44
C ILE B 51 -2.76 -5.96 -7.40
N THR B 52 -2.63 -7.15 -7.98
CA THR B 52 -1.54 -7.48 -8.90
C THR B 52 -1.83 -6.96 -10.30
N THR B 53 -0.79 -7.01 -11.14
CA THR B 53 -0.93 -6.59 -12.53
C THR B 53 -2.11 -7.25 -13.22
N PHE B 54 -2.28 -8.56 -13.03
CA PHE B 54 -3.35 -9.32 -13.66
C PHE B 54 -4.57 -9.51 -12.76
N GLY B 55 -4.71 -8.69 -11.72
CA GLY B 55 -5.97 -8.54 -11.02
C GLY B 55 -6.23 -9.45 -9.84
N SER B 56 -5.27 -10.25 -9.41
CA SER B 56 -5.45 -10.97 -8.15
C SER B 56 -5.35 -9.99 -6.98
N THR B 57 -6.04 -10.32 -5.89
CA THR B 57 -6.10 -9.43 -4.73
C THR B 57 -5.71 -10.18 -3.47
N ASN B 58 -5.16 -9.43 -2.51
CA ASN B 58 -5.02 -9.94 -1.15
C ASN B 58 -5.19 -8.81 -0.15
N TYR B 59 -5.59 -9.21 1.06
CA TYR B 59 -5.95 -8.27 2.12
C TYR B 59 -5.24 -8.67 3.40
N ALA B 60 -4.89 -7.65 4.19
CA ALA B 60 -4.46 -7.89 5.56
C ALA B 60 -5.60 -8.52 6.37
N ASP B 61 -5.21 -9.22 7.44
CA ASP B 61 -6.19 -9.88 8.28
C ASP B 61 -7.16 -8.88 8.91
N SER B 62 -6.69 -7.66 9.19
CA SER B 62 -7.59 -6.63 9.71
C SER B 62 -8.71 -6.27 8.74
N ALA B 63 -8.53 -6.47 7.44
CA ALA B 63 -9.63 -6.23 6.51
C ALA B 63 -10.74 -7.27 6.68
N LYS B 64 -10.37 -8.53 6.90
CA LYS B 64 -11.30 -9.63 7.12
C LYS B 64 -12.59 -9.50 6.30
N GLY B 65 -12.43 -9.48 4.98
CA GLY B 65 -13.56 -9.52 4.06
C GLY B 65 -14.33 -8.24 3.90
N ARG B 66 -13.94 -7.16 4.56
CA ARG B 66 -14.65 -5.89 4.47
C ARG B 66 -14.18 -5.01 3.33
N PHE B 67 -12.93 -5.15 2.92
CA PHE B 67 -12.32 -4.26 1.94
C PHE B 67 -12.24 -4.94 0.58
N THR B 68 -12.40 -4.13 -0.47
CA THR B 68 -12.25 -4.58 -1.85
C THR B 68 -11.40 -3.57 -2.60
N ILE B 69 -10.23 -4.00 -3.06
CA ILE B 69 -9.38 -3.19 -3.92
C ILE B 69 -9.77 -3.44 -5.37
N SER B 70 -9.76 -2.38 -6.17
CA SER B 70 -10.05 -2.47 -7.59
C SER B 70 -9.34 -1.32 -8.30
N ARG B 71 -9.44 -1.28 -9.63
CA ARG B 71 -8.85 -0.19 -10.37
C ARG B 71 -9.68 0.11 -11.61
N ASP B 72 -9.52 1.33 -12.12
CA ASP B 72 -10.00 1.72 -13.44
C ASP B 72 -8.78 2.02 -14.30
N ASN B 73 -8.57 1.20 -15.34
CA ASN B 73 -7.40 1.33 -16.20
C ASN B 73 -7.43 2.59 -17.05
N THR B 74 -8.62 3.03 -17.48
CA THR B 74 -8.72 4.22 -18.30
C THR B 74 -8.41 5.48 -17.50
N LYS B 75 -8.91 5.56 -16.27
CA LYS B 75 -8.63 6.68 -15.40
C LYS B 75 -7.30 6.53 -14.68
N ASN B 76 -6.59 5.40 -14.90
CA ASN B 76 -5.37 5.08 -14.20
C ASN B 76 -5.49 5.34 -12.70
N THR B 77 -6.54 4.77 -12.11
CA THR B 77 -6.91 5.07 -10.73
C THR B 77 -7.12 3.77 -9.97
N VAL B 78 -6.65 3.72 -8.72
CA VAL B 78 -6.85 2.57 -7.86
C VAL B 78 -7.87 2.94 -6.80
N TYR B 79 -8.78 2.02 -6.48
CA TYR B 79 -9.84 2.24 -5.51
C TYR B 79 -9.72 1.24 -4.37
N LEU B 80 -10.14 1.68 -3.19
CA LEU B 80 -10.35 0.80 -2.04
C LEU B 80 -11.74 1.04 -1.48
N GLN B 81 -12.65 0.09 -1.68
CA GLN B 81 -13.96 0.14 -1.06
C GLN B 81 -13.83 -0.44 0.35
N MET B 82 -14.37 0.28 1.34
CA MET B 82 -14.28 -0.11 2.74
C MET B 82 -15.67 -0.12 3.36
N ASP B 83 -16.16 -1.31 3.70
CA ASP B 83 -17.48 -1.50 4.29
C ASP B 83 -17.36 -1.84 5.78
N ASN B 84 -18.46 -1.60 6.50
CA ASN B 84 -18.56 -1.92 7.93
C ASN B 84 -17.36 -1.38 8.71
N LEU B 85 -17.07 -0.10 8.51
CA LEU B 85 -15.92 0.53 9.14
C LEU B 85 -16.07 0.54 10.66
N LYS B 86 -14.93 0.52 11.34
CA LYS B 86 -14.83 0.48 12.79
C LYS B 86 -13.92 1.61 13.25
N PRO B 87 -14.11 2.12 14.47
CA PRO B 87 -13.15 3.11 15.01
C PRO B 87 -11.68 2.73 14.84
N GLU B 88 -11.33 1.44 14.95
CA GLU B 88 -9.95 1.01 14.81
C GLU B 88 -9.39 1.22 13.40
N ASP B 89 -10.23 1.44 12.40
CA ASP B 89 -9.77 1.79 11.06
C ASP B 89 -9.38 3.25 10.89
N THR B 90 -9.51 4.09 11.91
CA THR B 90 -9.07 5.47 11.79
C THR B 90 -7.57 5.54 11.53
N ALA B 91 -7.20 6.17 10.43
CA ALA B 91 -5.80 6.25 10.00
C ALA B 91 -5.73 7.16 8.79
N VAL B 92 -4.50 7.53 8.40
CA VAL B 92 -4.26 8.06 7.07
C VAL B 92 -3.98 6.92 6.12
N TYR B 93 -4.67 6.90 4.99
CA TYR B 93 -4.56 5.84 3.99
C TYR B 93 -3.76 6.33 2.80
N TYR B 94 -2.86 5.47 2.32
CA TYR B 94 -1.90 5.82 1.27
C TYR B 94 -1.95 4.74 0.20
N CYS B 95 -1.82 5.14 -1.06
CA CYS B 95 -1.64 4.19 -2.14
C CYS B 95 -0.20 4.32 -2.64
N ASN B 96 0.38 3.19 -3.06
CA ASN B 96 1.73 3.24 -3.62
C ASN B 96 1.98 2.02 -4.50
N ALA B 97 3.06 2.09 -5.27
CA ALA B 97 3.60 0.89 -5.90
C ALA B 97 4.82 0.39 -5.12
N PRO B 98 5.01 -0.93 -4.99
CA PRO B 98 6.08 -1.43 -4.12
C PRO B 98 7.47 -0.93 -4.45
N GLN B 99 7.78 -0.65 -5.73
CA GLN B 99 9.11 -0.19 -6.08
C GLN B 99 9.39 1.24 -5.66
N PHE B 100 8.40 1.97 -5.15
CA PHE B 100 8.57 3.36 -4.77
C PHE B 100 8.35 3.61 -3.29
N THR B 101 8.05 2.59 -2.50
CA THR B 101 7.78 2.79 -1.08
C THR B 101 9.01 3.31 -0.33
N ASP B 102 10.22 3.02 -0.82
CA ASP B 102 11.45 3.60 -0.29
C ASP B 102 11.73 5.01 -0.77
N ARG B 103 10.89 5.59 -1.62
CA ARG B 103 11.25 6.75 -2.43
C ARG B 103 10.30 7.93 -2.23
N TYR B 104 8.99 7.70 -2.32
CA TYR B 104 8.01 8.77 -2.28
C TYR B 104 6.71 8.27 -1.71
N TRP B 105 6.07 9.11 -0.90
CA TRP B 105 4.70 8.90 -0.46
C TRP B 105 3.88 10.15 -0.73
N GLY B 106 2.65 9.95 -1.19
CA GLY B 106 1.70 11.04 -1.30
C GLY B 106 1.26 11.56 0.05
N GLN B 107 0.34 12.51 0.00
CA GLN B 107 -0.15 13.13 1.23
C GLN B 107 -1.08 12.20 2.00
N GLY B 108 -1.61 11.16 1.35
CA GLY B 108 -2.61 10.30 1.97
C GLY B 108 -3.98 10.94 2.06
N THR B 109 -4.96 10.15 2.48
CA THR B 109 -6.30 10.63 2.77
C THR B 109 -6.71 10.21 4.18
N GLN B 110 -7.11 11.19 4.99
CA GLN B 110 -7.51 10.92 6.36
C GLN B 110 -8.86 10.21 6.41
N VAL B 111 -8.91 9.07 7.10
CA VAL B 111 -10.15 8.37 7.40
C VAL B 111 -10.35 8.41 8.91
N THR B 112 -11.47 8.98 9.36
CA THR B 112 -11.85 8.99 10.76
C THR B 112 -13.21 8.35 10.90
N VAL B 113 -13.28 7.31 11.73
CA VAL B 113 -14.50 6.55 11.98
C VAL B 113 -14.90 6.80 13.42
N SER B 114 -16.12 7.28 13.64
CA SER B 114 -16.59 7.53 14.99
C SER B 114 -17.82 6.67 15.27
N SER B 115 -17.96 6.27 16.53
CA SER B 115 -19.14 5.54 17.00
C SER B 115 -20.32 6.47 17.26
#